data_1B23
#
_entry.id   1B23
#
_cell.length_a   126.750
_cell.length_b   132.980
_cell.length_c   154.880
_cell.angle_alpha   90.00
_cell.angle_beta   90.00
_cell.angle_gamma   90.00
#
_symmetry.space_group_name_H-M   'F 2 2 2'
#
loop_
_entity.id
_entity.type
_entity.pdbx_description
1 polymer 'CYSTEINYL TRNA'
2 polymer 'ELONGATION FACTOR TU'
3 non-polymer 'MAGNESIUM ION'
4 non-polymer CYSTEINE
5 non-polymer 'SULFATE ION'
6 non-polymer 'PHOSPHOAMINOPHOSPHONIC ACID-GUANYLATE ESTER'
7 water water
#
loop_
_entity_poly.entity_id
_entity_poly.type
_entity_poly.pdbx_seq_one_letter_code
_entity_poly.pdbx_strand_id
1 'polyribonucleotide'
;GGCGCGU(4SU)AACAAAGCGG(H2U)(H2U)AUGUAGCGGA(PSU)UGCA(MIA)A(PSU)CCGUCUAGUCCGG(5MU)
(PSU)CGACUCCGGAACGCGCCUCCA
;
R
2 'polypeptide(L)'
;AKGEFIRTKPHVNVGTIGHVDHGKTTLTAALTYVAAAENPNVEVKDYGDIDKAPEERARGITINTAHVEYETAKRHYSHV
DCPGHADYIKNMITGAAQMDGAILVVSAADGPMPQTREHILLARQVGVPYIVVFMNKVDMVDDPELLDLVEMEVRDLLNQ
YEFPGDEVPVIRGSALLALEEMHKNPKTKRGENEWVDKIWELLDAIDEYIPTPVRDVDKPFLMPVEDVFTITGRGTVATG
RIERGKVKVGDEVEIVGLAPETRKTVVTGVEMHRKTLQEGIAGDNVGLLLRGVSREEVERGQVLAKPGSITPHTKFEASV
YILKKEEGGRHTGFFTGYRPQFYFRTTDVTGVVRLPQGVEMVMPGDNVTFTVELIKPVALEEGLRFAIREGGRTVGAGVV
TKILE
;
P
#
# COMPACT_ATOMS: atom_id res chain seq x y z
N ALA B 1 4.82 -7.52 -30.78
CA ALA B 1 6.00 -6.61 -30.69
C ALA B 1 5.82 -5.34 -29.82
N LYS B 2 5.15 -5.40 -28.88
CA LYS B 2 4.76 -5.54 -27.47
C LYS B 2 3.65 -4.66 -26.90
N GLY B 3 3.85 -3.35 -26.94
CA GLY B 3 2.86 -2.44 -26.39
C GLY B 3 3.52 -1.54 -25.37
N GLU B 4 3.67 -0.28 -25.73
CA GLU B 4 4.30 0.71 -24.88
C GLU B 4 3.27 1.51 -24.08
N PHE B 5 3.63 1.84 -22.84
CA PHE B 5 2.76 2.61 -21.98
C PHE B 5 2.94 4.09 -22.29
N ILE B 6 1.99 4.65 -23.03
CA ILE B 6 2.03 6.07 -23.36
C ILE B 6 1.40 6.84 -22.22
N ARG B 7 2.04 7.93 -21.81
CA ARG B 7 1.54 8.76 -20.72
C ARG B 7 0.45 9.72 -21.19
N THR B 8 -0.62 9.16 -21.75
CA THR B 8 -1.75 9.94 -22.25
C THR B 8 -2.35 10.77 -21.12
N LYS B 9 -2.46 10.15 -19.96
CA LYS B 9 -3.02 10.78 -18.78
C LYS B 9 -2.14 10.49 -17.57
N PRO B 10 -2.20 11.36 -16.54
CA PRO B 10 -1.40 11.20 -15.31
C PRO B 10 -1.66 9.87 -14.61
N HIS B 11 -0.58 9.22 -14.17
CA HIS B 11 -0.69 7.95 -13.48
C HIS B 11 -0.59 8.10 -11.97
N VAL B 12 -1.52 7.44 -11.27
CA VAL B 12 -1.59 7.46 -9.83
C VAL B 12 -1.80 6.03 -9.34
N ASN B 13 -1.17 5.69 -8.21
CA ASN B 13 -1.29 4.36 -7.61
C ASN B 13 -2.32 4.39 -6.49
N VAL B 14 -3.25 3.43 -6.53
CA VAL B 14 -4.28 3.35 -5.50
C VAL B 14 -4.44 1.93 -5.02
N GLY B 15 -5.32 1.75 -4.05
CA GLY B 15 -5.58 0.45 -3.52
C GLY B 15 -6.77 0.45 -2.59
N THR B 16 -7.08 -0.73 -2.08
CA THR B 16 -8.19 -0.92 -1.18
C THR B 16 -7.66 -1.46 0.14
N ILE B 17 -8.15 -0.90 1.24
CA ILE B 17 -7.75 -1.32 2.58
C ILE B 17 -9.00 -1.30 3.45
N GLY B 18 -9.03 -2.14 4.47
CA GLY B 18 -10.18 -2.19 5.35
C GLY B 18 -10.32 -3.54 6.03
N HIS B 19 -11.17 -3.61 7.05
CA HIS B 19 -11.40 -4.84 7.81
C HIS B 19 -11.84 -6.00 6.92
N VAL B 20 -11.58 -7.22 7.38
CA VAL B 20 -11.90 -8.41 6.61
C VAL B 20 -13.37 -8.56 6.23
N ASP B 21 -13.59 -8.87 4.95
CA ASP B 21 -14.92 -9.06 4.38
C ASP B 21 -15.77 -7.81 4.18
N HIS B 22 -15.19 -6.64 4.43
CA HIS B 22 -15.92 -5.40 4.24
C HIS B 22 -16.18 -5.10 2.77
N GLY B 23 -15.53 -5.84 1.86
CA GLY B 23 -15.77 -5.67 0.44
C GLY B 23 -14.65 -5.28 -0.51
N LYS B 24 -13.44 -5.08 0.00
CA LYS B 24 -12.28 -4.68 -0.80
C LYS B 24 -12.18 -5.32 -2.20
N THR B 25 -12.28 -6.65 -2.26
CA THR B 25 -12.17 -7.37 -3.54
C THR B 25 -13.32 -7.17 -4.52
N THR B 26 -14.54 -7.20 -4.00
CA THR B 26 -15.74 -7.03 -4.84
C THR B 26 -15.74 -5.65 -5.50
N LEU B 27 -15.35 -4.64 -4.72
CA LEU B 27 -15.27 -3.27 -5.19
C LEU B 27 -14.19 -3.11 -6.26
N THR B 28 -13.11 -3.88 -6.12
CA THR B 28 -12.02 -3.83 -7.07
C THR B 28 -12.50 -4.35 -8.43
N ALA B 29 -13.19 -5.48 -8.41
CA ALA B 29 -13.72 -6.05 -9.64
C ALA B 29 -14.72 -5.04 -10.23
N ALA B 30 -15.55 -4.48 -9.36
CA ALA B 30 -16.54 -3.49 -9.74
C ALA B 30 -15.92 -2.27 -10.40
N LEU B 31 -14.77 -1.86 -9.90
CA LEU B 31 -14.09 -0.70 -10.47
C LEU B 31 -13.63 -0.96 -11.89
N THR B 32 -13.05 -2.12 -12.13
CA THR B 32 -12.56 -2.46 -13.46
C THR B 32 -13.70 -2.62 -14.46
N TYR B 33 -14.84 -3.08 -13.97
CA TYR B 33 -16.02 -3.29 -14.80
C TYR B 33 -16.70 -2.00 -15.27
N VAL B 34 -16.93 -1.06 -14.35
CA VAL B 34 -17.57 0.20 -14.70
C VAL B 34 -16.63 1.07 -15.52
N ALA B 35 -15.36 1.05 -15.17
CA ALA B 35 -14.36 1.85 -15.88
C ALA B 35 -14.18 1.36 -17.30
N ALA B 36 -14.34 0.05 -17.49
CA ALA B 36 -14.19 -0.58 -18.80
C ALA B 36 -15.34 -0.20 -19.73
N ALA B 37 -16.55 -0.16 -19.17
CA ALA B 37 -17.74 0.20 -19.93
C ALA B 37 -17.56 1.54 -20.65
N GLU B 38 -16.80 2.44 -20.05
CA GLU B 38 -16.53 3.75 -20.63
C GLU B 38 -15.21 3.72 -21.41
N ASN B 39 -14.16 3.24 -20.76
CA ASN B 39 -12.84 3.16 -21.37
C ASN B 39 -12.53 1.73 -21.82
N PRO B 40 -12.34 1.52 -23.13
CA PRO B 40 -12.05 0.22 -23.76
C PRO B 40 -10.66 -0.36 -23.51
N ASN B 41 -9.80 0.40 -22.84
CA ASN B 41 -8.44 -0.05 -22.54
C ASN B 41 -8.41 -0.99 -21.33
N VAL B 42 -9.26 -0.70 -20.37
CA VAL B 42 -9.37 -1.47 -19.13
C VAL B 42 -9.73 -2.94 -19.34
N GLU B 43 -8.78 -3.82 -19.03
CA GLU B 43 -9.01 -5.25 -19.15
C GLU B 43 -9.82 -5.64 -17.93
N VAL B 44 -10.98 -6.24 -18.15
CA VAL B 44 -11.85 -6.63 -17.05
C VAL B 44 -11.29 -7.70 -16.11
N LYS B 45 -11.43 -7.45 -14.82
CA LYS B 45 -10.97 -8.36 -13.79
C LYS B 45 -12.14 -8.81 -12.92
N ASP B 46 -12.43 -10.11 -12.97
CA ASP B 46 -13.52 -10.70 -12.20
C ASP B 46 -13.03 -11.11 -10.83
N TYR B 47 -13.96 -11.31 -9.89
CA TYR B 47 -13.60 -11.71 -8.53
C TYR B 47 -12.64 -12.90 -8.51
N GLY B 48 -12.92 -13.89 -9.36
CA GLY B 48 -12.07 -15.07 -9.44
C GLY B 48 -10.66 -14.75 -9.93
N ASP B 49 -10.55 -13.70 -10.76
CA ASP B 49 -9.26 -13.28 -11.31
C ASP B 49 -8.43 -12.51 -10.27
N ILE B 50 -9.07 -12.02 -9.22
CA ILE B 50 -8.38 -11.30 -8.14
C ILE B 50 -7.80 -12.35 -7.19
N ASP B 51 -8.68 -13.00 -6.44
CA ASP B 51 -8.30 -14.07 -5.52
C ASP B 51 -8.20 -15.34 -6.36
N LYS B 52 -7.03 -15.55 -6.95
CA LYS B 52 -6.79 -16.70 -7.81
C LYS B 52 -6.08 -17.90 -7.19
N ALA B 53 -5.41 -17.69 -6.06
CA ALA B 53 -4.71 -18.78 -5.39
C ALA B 53 -5.70 -19.79 -4.82
N PRO B 54 -5.29 -21.07 -4.72
CA PRO B 54 -6.14 -22.15 -4.18
C PRO B 54 -6.47 -21.99 -2.71
N GLU B 55 -5.62 -21.27 -1.98
CA GLU B 55 -5.82 -21.01 -0.56
C GLU B 55 -6.94 -19.98 -0.47
N GLU B 56 -6.91 -19.03 -1.41
CA GLU B 56 -7.90 -17.97 -1.48
C GLU B 56 -9.23 -18.50 -1.99
N ARG B 57 -9.18 -19.47 -2.90
CA ARG B 57 -10.39 -20.08 -3.45
C ARG B 57 -11.16 -20.81 -2.37
N ALA B 58 -10.50 -21.76 -1.73
CA ALA B 58 -11.09 -22.56 -0.67
C ALA B 58 -11.39 -21.77 0.59
N ARG B 59 -10.35 -21.18 1.18
CA ARG B 59 -10.47 -20.40 2.41
C ARG B 59 -11.35 -19.14 2.27
N GLY B 60 -11.65 -18.77 1.02
CA GLY B 60 -12.50 -17.62 0.76
C GLY B 60 -12.05 -16.23 1.17
N ILE B 61 -10.74 -15.98 1.19
CA ILE B 61 -10.24 -14.66 1.56
C ILE B 61 -9.03 -14.23 0.72
N THR B 62 -8.73 -12.94 0.74
CA THR B 62 -7.57 -12.41 0.01
C THR B 62 -6.38 -12.52 0.95
N ILE B 63 -5.41 -13.36 0.59
CA ILE B 63 -4.22 -13.54 1.43
C ILE B 63 -3.05 -12.67 0.99
N ASN B 64 -2.85 -12.54 -0.31
CA ASN B 64 -1.77 -11.70 -0.83
C ASN B 64 -2.32 -10.61 -1.74
N THR B 65 -1.54 -9.55 -1.94
CA THR B 65 -1.98 -8.44 -2.78
C THR B 65 -2.14 -8.82 -4.26
N ALA B 66 -3.05 -8.12 -4.93
CA ALA B 66 -3.33 -8.34 -6.34
C ALA B 66 -3.19 -7.00 -7.05
N HIS B 67 -2.59 -7.02 -8.24
CA HIS B 67 -2.39 -5.80 -9.01
C HIS B 67 -3.29 -5.75 -10.24
N VAL B 68 -4.09 -4.69 -10.32
CA VAL B 68 -5.02 -4.48 -11.43
C VAL B 68 -4.96 -3.05 -11.94
N GLU B 69 -5.03 -2.86 -13.25
CA GLU B 69 -4.99 -1.52 -13.83
C GLU B 69 -6.30 -1.14 -14.51
N TYR B 70 -6.64 0.14 -14.42
CA TYR B 70 -7.84 0.67 -15.05
C TYR B 70 -7.66 2.17 -15.17
N GLU B 71 -8.60 2.84 -15.80
CA GLU B 71 -8.49 4.29 -15.95
C GLU B 71 -9.81 4.99 -16.17
N THR B 72 -9.86 6.24 -15.73
CA THR B 72 -11.05 7.06 -15.91
C THR B 72 -10.76 7.97 -17.10
N ALA B 73 -11.54 9.03 -17.22
CA ALA B 73 -11.33 9.97 -18.31
C ALA B 73 -10.12 10.82 -17.95
N LYS B 74 -9.93 11.04 -16.65
CA LYS B 74 -8.84 11.88 -16.20
C LYS B 74 -7.47 11.25 -15.95
N ARG B 75 -7.40 10.14 -15.21
CA ARG B 75 -6.11 9.52 -14.91
C ARG B 75 -6.02 7.99 -15.02
N HIS B 76 -4.79 7.51 -15.23
CA HIS B 76 -4.54 6.06 -15.29
C HIS B 76 -4.27 5.59 -13.86
N TYR B 77 -4.59 4.33 -13.57
CA TYR B 77 -4.39 3.80 -12.23
C TYR B 77 -3.79 2.42 -12.15
N SER B 78 -3.13 2.17 -11.03
CA SER B 78 -2.53 0.89 -10.71
C SER B 78 -3.17 0.63 -9.37
N HIS B 79 -4.10 -0.30 -9.35
CA HIS B 79 -4.82 -0.64 -8.13
C HIS B 79 -4.32 -1.89 -7.44
N VAL B 80 -3.94 -1.75 -6.18
CA VAL B 80 -3.47 -2.89 -5.41
C VAL B 80 -4.50 -3.22 -4.31
N ASP B 81 -5.11 -4.38 -4.47
CA ASP B 81 -6.12 -4.87 -3.55
C ASP B 81 -5.45 -5.54 -2.37
N CYS B 82 -5.68 -5.00 -1.18
CA CYS B 82 -5.07 -5.51 0.05
C CYS B 82 -5.94 -6.45 0.89
N PRO B 83 -5.29 -7.34 1.67
CA PRO B 83 -5.95 -8.31 2.55
C PRO B 83 -6.44 -7.59 3.81
N GLY B 84 -7.60 -7.99 4.32
CA GLY B 84 -8.14 -7.35 5.51
C GLY B 84 -8.00 -8.17 6.75
N HIS B 85 -7.57 -9.42 6.59
CA HIS B 85 -7.39 -10.33 7.71
C HIS B 85 -6.23 -9.88 8.59
N ALA B 86 -6.41 -9.96 9.91
CA ALA B 86 -5.39 -9.56 10.87
C ALA B 86 -4.12 -10.41 10.77
N ASP B 87 -4.27 -11.65 10.33
CA ASP B 87 -3.12 -12.54 10.20
C ASP B 87 -2.22 -12.22 9.03
N TYR B 88 -2.74 -11.50 8.03
CA TYR B 88 -1.92 -11.19 6.87
C TYR B 88 -1.64 -9.72 6.64
N ILE B 89 -1.53 -8.98 7.73
CA ILE B 89 -1.24 -7.55 7.65
C ILE B 89 0.14 -7.30 7.08
N LYS B 90 1.04 -8.27 7.25
CA LYS B 90 2.40 -8.20 6.74
C LYS B 90 2.36 -7.79 5.26
N ASN B 91 1.41 -8.38 4.54
CA ASN B 91 1.23 -8.12 3.12
C ASN B 91 0.44 -6.84 2.86
N MET B 92 -0.41 -6.45 3.82
CA MET B 92 -1.20 -5.23 3.68
C MET B 92 -0.26 -4.04 3.68
N ILE B 93 0.77 -4.10 4.54
CA ILE B 93 1.77 -3.04 4.65
C ILE B 93 2.52 -2.85 3.33
N THR B 94 2.88 -3.96 2.71
CA THR B 94 3.61 -3.96 1.46
C THR B 94 2.82 -3.30 0.33
N GLY B 95 1.50 -3.47 0.37
CA GLY B 95 0.65 -2.85 -0.65
C GLY B 95 0.56 -1.35 -0.42
N ALA B 96 0.41 -0.97 0.84
CA ALA B 96 0.31 0.43 1.23
C ALA B 96 1.61 1.16 0.90
N ALA B 97 2.70 0.40 0.78
CA ALA B 97 4.01 0.96 0.46
C ALA B 97 4.07 1.43 -0.99
N GLN B 98 2.97 1.23 -1.72
CA GLN B 98 2.89 1.60 -3.13
C GLN B 98 1.67 2.48 -3.45
N MET B 99 1.00 2.99 -2.43
CA MET B 99 -0.19 3.80 -2.67
C MET B 99 -0.05 5.31 -2.50
N ASP B 100 -0.43 6.02 -3.55
CA ASP B 100 -0.42 7.48 -3.56
C ASP B 100 -1.71 7.93 -2.91
N GLY B 101 -2.60 6.98 -2.69
CA GLY B 101 -3.87 7.25 -2.06
C GLY B 101 -4.56 5.92 -1.82
N ALA B 102 -5.30 5.82 -0.72
CA ALA B 102 -5.98 4.59 -0.40
C ALA B 102 -7.49 4.72 -0.18
N ILE B 103 -8.22 3.73 -0.68
CA ILE B 103 -9.66 3.66 -0.56
C ILE B 103 -9.98 2.85 0.69
N LEU B 104 -10.55 3.51 1.69
CA LEU B 104 -10.90 2.83 2.93
C LEU B 104 -12.31 2.27 2.76
N VAL B 105 -12.41 0.94 2.77
CA VAL B 105 -13.70 0.26 2.61
C VAL B 105 -14.30 -0.09 3.96
N VAL B 106 -15.47 0.47 4.25
CA VAL B 106 -16.15 0.21 5.52
C VAL B 106 -17.57 -0.27 5.31
N SER B 107 -17.84 -1.51 5.69
CA SER B 107 -19.18 -2.10 5.60
C SER B 107 -20.13 -1.30 6.46
N ALA B 108 -21.27 -0.92 5.88
CA ALA B 108 -22.27 -0.14 6.60
C ALA B 108 -22.95 -0.99 7.67
N ALA B 109 -23.04 -2.29 7.40
CA ALA B 109 -23.67 -3.25 8.30
C ALA B 109 -22.92 -3.47 9.62
N ASP B 110 -21.60 -3.29 9.59
CA ASP B 110 -20.77 -3.50 10.78
C ASP B 110 -20.13 -2.24 11.32
N GLY B 111 -19.68 -1.37 10.43
CA GLY B 111 -19.03 -0.14 10.83
C GLY B 111 -17.53 -0.31 10.98
N PRO B 112 -16.83 0.72 11.51
CA PRO B 112 -15.37 0.68 11.69
C PRO B 112 -14.95 -0.38 12.72
N MET B 113 -14.23 -1.40 12.23
CA MET B 113 -13.76 -2.52 13.06
C MET B 113 -12.25 -2.46 13.38
N PRO B 114 -11.68 -3.49 14.06
CA PRO B 114 -10.25 -3.49 14.39
C PRO B 114 -9.24 -3.24 13.25
N GLN B 115 -9.44 -3.88 12.11
CA GLN B 115 -8.53 -3.69 10.98
C GLN B 115 -8.85 -2.43 10.18
N THR B 116 -9.85 -1.69 10.63
CA THR B 116 -10.22 -0.44 9.97
C THR B 116 -9.25 0.62 10.47
N ARG B 117 -9.14 0.74 11.79
CA ARG B 117 -8.22 1.73 12.37
C ARG B 117 -6.78 1.26 12.19
N GLU B 118 -6.60 -0.06 12.17
CA GLU B 118 -5.27 -0.63 11.99
C GLU B 118 -4.68 -0.26 10.63
N HIS B 119 -5.50 -0.31 9.59
CA HIS B 119 -5.04 0.03 8.25
C HIS B 119 -4.83 1.52 8.10
N ILE B 120 -5.59 2.33 8.83
CA ILE B 120 -5.45 3.78 8.78
C ILE B 120 -4.05 4.15 9.29
N LEU B 121 -3.72 3.65 10.48
CA LEU B 121 -2.44 3.89 11.12
C LEU B 121 -1.29 3.36 10.25
N LEU B 122 -1.38 2.09 9.87
CA LEU B 122 -0.36 1.48 9.04
C LEU B 122 -0.14 2.20 7.72
N ALA B 123 -1.19 2.34 6.91
CA ALA B 123 -1.10 3.03 5.63
C ALA B 123 -0.36 4.35 5.77
N ARG B 124 -0.65 5.07 6.85
CA ARG B 124 -0.02 6.36 7.14
C ARG B 124 1.51 6.22 7.26
N GLN B 125 1.95 5.32 8.13
CA GLN B 125 3.37 5.06 8.38
C GLN B 125 4.11 4.41 7.20
N VAL B 126 3.38 4.03 6.16
CA VAL B 126 3.98 3.40 4.98
C VAL B 126 3.98 4.35 3.78
N GLY B 127 3.61 5.61 4.02
CA GLY B 127 3.60 6.58 2.96
C GLY B 127 2.27 7.06 2.39
N VAL B 128 1.18 6.29 2.56
CA VAL B 128 -0.14 6.69 2.04
C VAL B 128 -0.53 8.07 2.57
N PRO B 129 -0.61 9.06 1.65
CA PRO B 129 -0.95 10.46 1.92
C PRO B 129 -2.42 10.81 2.10
N TYR B 130 -3.26 10.43 1.15
CA TYR B 130 -4.69 10.75 1.22
C TYR B 130 -5.55 9.50 1.20
N ILE B 131 -6.77 9.63 1.69
CA ILE B 131 -7.73 8.52 1.76
C ILE B 131 -9.14 8.88 1.30
N VAL B 132 -9.77 7.93 0.60
CA VAL B 132 -11.12 8.07 0.09
C VAL B 132 -11.91 6.88 0.62
N VAL B 133 -12.84 7.15 1.53
CA VAL B 133 -13.67 6.10 2.14
C VAL B 133 -14.79 5.66 1.20
N PHE B 134 -15.27 4.44 1.41
CA PHE B 134 -16.37 3.91 0.62
C PHE B 134 -17.26 3.06 1.51
N MET B 135 -18.42 3.60 1.89
CA MET B 135 -19.36 2.85 2.72
C MET B 135 -20.00 1.79 1.85
N ASN B 136 -19.55 0.56 2.03
CA ASN B 136 -20.05 -0.56 1.24
C ASN B 136 -21.20 -1.26 1.95
N LYS B 137 -21.95 -2.07 1.19
CA LYS B 137 -23.06 -2.83 1.73
C LYS B 137 -24.19 -1.99 2.34
N VAL B 138 -24.55 -0.90 1.67
CA VAL B 138 -25.64 -0.03 2.13
C VAL B 138 -26.97 -0.74 1.92
N ASP B 139 -26.96 -1.68 0.98
CA ASP B 139 -28.11 -2.49 0.62
C ASP B 139 -28.58 -3.38 1.77
N MET B 140 -27.80 -3.42 2.83
CA MET B 140 -28.14 -4.24 4.00
C MET B 140 -28.58 -3.40 5.18
N VAL B 141 -28.62 -2.08 4.98
CA VAL B 141 -29.01 -1.19 6.05
C VAL B 141 -30.32 -0.48 5.78
N ASP B 142 -31.24 -0.60 6.75
CA ASP B 142 -32.54 0.04 6.65
C ASP B 142 -32.48 1.46 7.18
N ASP B 143 -32.22 1.59 8.47
CA ASP B 143 -32.15 2.89 9.12
C ASP B 143 -31.06 3.78 8.50
N PRO B 144 -31.47 4.89 7.85
CA PRO B 144 -30.53 5.81 7.21
C PRO B 144 -29.66 6.50 8.26
N GLU B 145 -30.24 6.69 9.45
CA GLU B 145 -29.60 7.33 10.59
C GLU B 145 -28.37 6.52 11.00
N LEU B 146 -28.39 5.23 10.72
CA LEU B 146 -27.29 4.35 11.04
C LEU B 146 -26.12 4.61 10.08
N LEU B 147 -26.43 4.89 8.83
CA LEU B 147 -25.41 5.20 7.82
C LEU B 147 -24.75 6.53 8.15
N ASP B 148 -25.50 7.44 8.75
CA ASP B 148 -24.94 8.73 9.14
C ASP B 148 -23.93 8.44 10.25
N LEU B 149 -24.36 7.63 11.22
CA LEU B 149 -23.52 7.24 12.35
C LEU B 149 -22.22 6.61 11.86
N VAL B 150 -22.32 5.69 10.92
CA VAL B 150 -21.15 5.02 10.37
C VAL B 150 -20.17 6.05 9.78
N GLU B 151 -20.68 6.96 8.96
CA GLU B 151 -19.86 8.00 8.35
C GLU B 151 -19.16 8.87 9.40
N MET B 152 -19.90 9.21 10.45
CA MET B 152 -19.36 10.04 11.53
C MET B 152 -18.19 9.40 12.27
N GLU B 153 -18.34 8.11 12.57
CA GLU B 153 -17.31 7.37 13.30
C GLU B 153 -16.05 7.14 12.47
N VAL B 154 -16.20 7.00 11.15
CA VAL B 154 -15.07 6.79 10.27
C VAL B 154 -14.28 8.08 10.15
N ARG B 155 -14.96 9.20 10.29
CA ARG B 155 -14.30 10.50 10.21
C ARG B 155 -13.48 10.73 11.47
N ASP B 156 -14.04 10.33 12.62
CA ASP B 156 -13.36 10.49 13.90
C ASP B 156 -12.11 9.63 13.95
N LEU B 157 -12.21 8.43 13.35
CA LEU B 157 -11.11 7.47 13.30
C LEU B 157 -9.96 8.02 12.45
N LEU B 158 -10.29 8.75 11.40
CA LEU B 158 -9.26 9.33 10.54
C LEU B 158 -8.59 10.51 11.25
N ASN B 159 -9.39 11.32 11.94
CA ASN B 159 -8.86 12.47 12.68
C ASN B 159 -8.04 12.05 13.90
N GLN B 160 -8.21 10.79 14.29
CA GLN B 160 -7.49 10.22 15.42
C GLN B 160 -6.03 9.95 15.04
N TYR B 161 -5.82 9.67 13.76
CA TYR B 161 -4.49 9.40 13.23
C TYR B 161 -4.01 10.50 12.28
N GLU B 162 -4.37 11.73 12.62
CA GLU B 162 -4.00 12.95 11.90
C GLU B 162 -4.35 13.07 10.42
N PHE B 163 -5.37 12.35 9.99
CA PHE B 163 -5.84 12.44 8.61
C PHE B 163 -6.94 13.49 8.64
N PRO B 164 -7.20 14.14 7.50
CA PRO B 164 -8.25 15.18 7.41
C PRO B 164 -9.65 14.53 7.33
N GLY B 165 -10.04 13.88 8.43
CA GLY B 165 -11.31 13.19 8.51
C GLY B 165 -12.57 13.93 8.11
N ASP B 166 -12.63 15.23 8.39
CA ASP B 166 -13.81 16.02 8.07
C ASP B 166 -13.89 16.40 6.59
N GLU B 167 -12.73 16.47 5.94
CA GLU B 167 -12.65 16.83 4.53
C GLU B 167 -12.67 15.59 3.61
N VAL B 168 -12.30 14.43 4.16
CA VAL B 168 -12.27 13.19 3.39
C VAL B 168 -13.64 12.79 2.82
N PRO B 169 -13.72 12.55 1.49
CA PRO B 169 -14.92 12.14 0.76
C PRO B 169 -15.43 10.76 1.20
N VAL B 170 -16.68 10.69 1.65
CA VAL B 170 -17.27 9.42 2.07
C VAL B 170 -18.43 9.04 1.16
N ILE B 171 -18.11 8.22 0.17
CA ILE B 171 -19.06 7.74 -0.83
C ILE B 171 -19.75 6.45 -0.44
N ARG B 172 -21.05 6.54 -0.18
CA ARG B 172 -21.85 5.37 0.19
C ARG B 172 -22.19 4.56 -1.07
N GLY B 173 -22.34 3.25 -0.93
CA GLY B 173 -22.66 2.43 -2.09
C GLY B 173 -22.72 0.94 -1.84
N SER B 174 -22.74 0.16 -2.92
CA SER B 174 -22.78 -1.30 -2.80
C SER B 174 -22.05 -1.95 -3.96
N ALA B 175 -20.83 -2.40 -3.68
CA ALA B 175 -19.99 -3.05 -4.67
C ALA B 175 -20.65 -4.27 -5.27
N LEU B 176 -21.34 -5.05 -4.44
CA LEU B 176 -21.99 -6.27 -4.91
C LEU B 176 -23.05 -5.95 -5.98
N LEU B 177 -23.95 -5.03 -5.66
CA LEU B 177 -25.00 -4.66 -6.59
C LEU B 177 -24.48 -4.06 -7.90
N ALA B 178 -23.40 -3.27 -7.81
CA ALA B 178 -22.80 -2.65 -8.99
C ALA B 178 -22.11 -3.69 -9.87
N LEU B 179 -21.46 -4.67 -9.24
CA LEU B 179 -20.77 -5.74 -9.97
C LEU B 179 -21.76 -6.65 -10.67
N GLU B 180 -22.83 -7.00 -9.96
CA GLU B 180 -23.87 -7.86 -10.49
C GLU B 180 -24.42 -7.21 -11.76
N GLU B 181 -24.74 -5.93 -11.65
CA GLU B 181 -25.28 -5.15 -12.77
C GLU B 181 -24.38 -5.20 -13.99
N MET B 182 -23.09 -5.02 -13.78
CA MET B 182 -22.11 -5.02 -14.86
C MET B 182 -22.03 -6.35 -15.61
N HIS B 183 -22.49 -7.42 -14.98
CA HIS B 183 -22.46 -8.73 -15.61
C HIS B 183 -23.62 -8.90 -16.58
N LYS B 184 -24.83 -8.68 -16.08
CA LYS B 184 -26.06 -8.81 -16.89
C LYS B 184 -25.94 -7.96 -18.15
N ASN B 185 -25.47 -6.73 -18.00
CA ASN B 185 -25.30 -5.80 -19.11
C ASN B 185 -24.07 -4.90 -18.91
N PRO B 186 -22.94 -5.29 -19.53
CA PRO B 186 -21.64 -4.60 -19.49
C PRO B 186 -21.56 -3.34 -20.36
N LYS B 187 -22.64 -3.01 -21.05
CA LYS B 187 -22.67 -1.82 -21.90
C LYS B 187 -23.11 -0.60 -21.09
N THR B 188 -23.65 -0.85 -19.90
CA THR B 188 -24.13 0.19 -18.99
C THR B 188 -23.18 1.38 -18.84
N LYS B 189 -23.70 2.59 -19.06
CA LYS B 189 -22.91 3.82 -18.95
C LYS B 189 -23.39 4.64 -17.74
N ARG B 190 -22.81 5.82 -17.55
CA ARG B 190 -23.22 6.66 -16.41
C ARG B 190 -24.65 7.14 -16.57
N GLY B 191 -25.34 7.32 -15.45
CA GLY B 191 -26.72 7.79 -15.46
C GLY B 191 -27.75 6.71 -15.74
N GLU B 192 -27.28 5.52 -16.13
CA GLU B 192 -28.19 4.42 -16.46
C GLU B 192 -28.59 3.53 -15.28
N ASN B 193 -27.72 3.43 -14.28
CA ASN B 193 -28.02 2.61 -13.11
C ASN B 193 -27.53 3.35 -11.87
N GLU B 194 -28.33 3.35 -10.80
CA GLU B 194 -27.98 4.06 -9.57
C GLU B 194 -26.79 3.46 -8.82
N TRP B 195 -26.71 2.14 -8.78
CA TRP B 195 -25.62 1.44 -8.11
C TRP B 195 -24.31 1.60 -8.86
N VAL B 196 -24.38 1.58 -10.19
CA VAL B 196 -23.19 1.74 -11.02
C VAL B 196 -22.71 3.18 -10.89
N ASP B 197 -23.65 4.11 -10.77
CA ASP B 197 -23.32 5.52 -10.65
C ASP B 197 -22.62 5.84 -9.33
N LYS B 198 -22.92 5.06 -8.30
CA LYS B 198 -22.30 5.26 -6.98
C LYS B 198 -20.83 4.84 -7.04
N ILE B 199 -20.50 4.02 -8.02
CA ILE B 199 -19.13 3.58 -8.24
C ILE B 199 -18.43 4.69 -9.01
N TRP B 200 -19.17 5.34 -9.92
CA TRP B 200 -18.62 6.45 -10.69
C TRP B 200 -18.41 7.63 -9.74
N GLU B 201 -19.23 7.71 -8.70
CA GLU B 201 -19.09 8.76 -7.70
C GLU B 201 -17.70 8.58 -7.11
N LEU B 202 -17.35 7.32 -6.88
CA LEU B 202 -16.06 6.90 -6.31
C LEU B 202 -14.90 7.28 -7.21
N LEU B 203 -14.96 6.85 -8.47
CA LEU B 203 -13.91 7.17 -9.44
C LEU B 203 -13.68 8.67 -9.47
N ASP B 204 -14.77 9.43 -9.39
CA ASP B 204 -14.71 10.88 -9.39
C ASP B 204 -14.06 11.41 -8.12
N ALA B 205 -14.32 10.74 -7.00
CA ALA B 205 -13.70 11.15 -5.74
C ALA B 205 -12.19 10.93 -5.82
N ILE B 206 -11.80 9.77 -6.35
CA ILE B 206 -10.40 9.42 -6.50
C ILE B 206 -9.73 10.47 -7.40
N ASP B 207 -10.40 10.80 -8.50
CA ASP B 207 -9.93 11.77 -9.48
C ASP B 207 -9.74 13.18 -8.94
N GLU B 208 -10.60 13.57 -8.00
CA GLU B 208 -10.56 14.91 -7.43
C GLU B 208 -9.94 15.09 -6.04
N TYR B 209 -9.83 14.01 -5.27
CA TYR B 209 -9.25 14.14 -3.93
C TYR B 209 -7.77 13.77 -3.87
N ILE B 210 -7.45 12.57 -4.33
CA ILE B 210 -6.08 12.09 -4.34
C ILE B 210 -5.40 12.80 -5.50
N PRO B 211 -4.45 13.69 -5.19
CA PRO B 211 -3.74 14.43 -6.24
C PRO B 211 -2.65 13.60 -6.88
N THR B 212 -2.21 14.02 -8.05
CA THR B 212 -1.12 13.31 -8.71
C THR B 212 0.10 13.83 -7.96
N PRO B 213 0.74 12.96 -7.18
CA PRO B 213 1.93 13.29 -6.38
C PRO B 213 3.02 14.04 -7.12
N VAL B 214 3.68 14.96 -6.41
CA VAL B 214 4.78 15.72 -6.99
C VAL B 214 5.85 14.67 -7.27
N ARG B 215 6.32 14.63 -8.51
CA ARG B 215 7.33 13.65 -8.88
C ARG B 215 8.75 14.14 -8.59
N ASP B 216 9.44 13.40 -7.71
CA ASP B 216 10.80 13.73 -7.28
C ASP B 216 11.87 13.17 -8.22
N VAL B 217 11.70 13.32 -9.53
CA VAL B 217 12.68 12.81 -10.50
C VAL B 217 14.03 13.53 -10.42
N ASP B 218 14.09 14.60 -9.64
CA ASP B 218 15.33 15.38 -9.47
C ASP B 218 16.21 14.82 -8.34
N LYS B 219 15.68 13.83 -7.62
CA LYS B 219 16.40 13.18 -6.52
C LYS B 219 16.98 11.83 -7.00
N PRO B 220 18.05 11.35 -6.34
CA PRO B 220 18.69 10.08 -6.70
C PRO B 220 17.72 8.90 -6.73
N PHE B 221 17.83 8.08 -7.77
CA PHE B 221 16.97 6.92 -7.94
C PHE B 221 16.84 6.10 -6.65
N LEU B 222 15.65 5.53 -6.45
CA LEU B 222 15.32 4.72 -5.28
C LEU B 222 14.03 3.99 -5.67
N MET B 223 14.09 2.67 -5.69
CA MET B 223 12.94 1.85 -6.07
C MET B 223 12.78 0.70 -5.09
N PRO B 224 11.96 0.90 -4.04
CA PRO B 224 11.75 -0.15 -3.04
C PRO B 224 11.18 -1.40 -3.69
N VAL B 225 11.93 -2.49 -3.59
CA VAL B 225 11.50 -3.75 -4.17
C VAL B 225 10.31 -4.34 -3.42
N GLU B 226 9.27 -4.69 -4.18
CA GLU B 226 8.03 -5.23 -3.65
C GLU B 226 7.81 -6.70 -4.05
N ASP B 227 8.37 -7.11 -5.17
CA ASP B 227 8.19 -8.49 -5.61
C ASP B 227 9.32 -8.92 -6.54
N VAL B 228 9.62 -10.21 -6.52
CA VAL B 228 10.67 -10.76 -7.36
C VAL B 228 10.14 -11.94 -8.15
N PHE B 229 10.21 -11.81 -9.48
CA PHE B 229 9.74 -12.83 -10.39
C PHE B 229 10.91 -13.43 -11.16
N THR B 230 10.69 -14.64 -11.67
CA THR B 230 11.69 -15.32 -12.47
C THR B 230 11.01 -15.56 -13.82
N ILE B 231 11.28 -14.66 -14.75
CA ILE B 231 10.70 -14.70 -16.10
C ILE B 231 11.50 -15.55 -17.07
N THR B 232 10.87 -16.61 -17.56
CA THR B 232 11.50 -17.53 -18.50
C THR B 232 11.99 -16.83 -19.77
N GLY B 233 13.27 -17.03 -20.08
CA GLY B 233 13.85 -16.44 -21.27
C GLY B 233 14.39 -15.04 -21.11
N ARG B 234 13.97 -14.32 -20.06
CA ARG B 234 14.42 -12.95 -19.80
C ARG B 234 15.41 -12.85 -18.65
N GLY B 235 15.01 -13.34 -17.47
CA GLY B 235 15.87 -13.28 -16.31
C GLY B 235 15.08 -12.95 -15.04
N THR B 236 15.75 -12.32 -14.08
CA THR B 236 15.10 -11.95 -12.83
C THR B 236 14.53 -10.54 -12.93
N VAL B 237 13.33 -10.35 -12.36
CA VAL B 237 12.68 -9.05 -12.39
C VAL B 237 12.21 -8.58 -11.02
N ALA B 238 12.43 -7.30 -10.75
CA ALA B 238 12.02 -6.69 -9.49
C ALA B 238 10.89 -5.69 -9.79
N THR B 239 9.91 -5.63 -8.90
CA THR B 239 8.77 -4.73 -9.09
C THR B 239 8.50 -3.86 -7.87
N GLY B 240 8.06 -2.63 -8.11
CA GLY B 240 7.77 -1.72 -7.02
C GLY B 240 7.50 -0.31 -7.50
N ARG B 241 7.18 0.59 -6.58
CA ARG B 241 6.90 1.97 -6.96
C ARG B 241 8.14 2.86 -6.77
N ILE B 242 8.58 3.46 -7.87
CA ILE B 242 9.73 4.35 -7.86
C ILE B 242 9.47 5.50 -6.89
N GLU B 243 10.33 5.66 -5.89
CA GLU B 243 10.15 6.72 -4.92
C GLU B 243 10.72 8.05 -5.39
N ARG B 244 11.88 7.99 -6.04
CA ARG B 244 12.52 9.19 -6.59
C ARG B 244 13.44 8.81 -7.74
N GLY B 245 13.74 9.80 -8.58
CA GLY B 245 14.60 9.58 -9.71
C GLY B 245 13.92 9.00 -10.93
N LYS B 246 14.71 8.51 -11.87
CA LYS B 246 14.21 7.92 -13.11
C LYS B 246 15.06 6.69 -13.41
N VAL B 247 14.64 5.89 -14.38
CA VAL B 247 15.39 4.69 -14.75
C VAL B 247 15.15 4.21 -16.17
N LYS B 248 16.13 4.45 -17.03
CA LYS B 248 16.06 4.03 -18.43
C LYS B 248 16.91 2.78 -18.56
N VAL B 249 16.77 2.04 -19.66
CA VAL B 249 17.55 0.83 -19.84
C VAL B 249 19.04 1.15 -19.93
N GLY B 250 19.87 0.18 -19.53
CA GLY B 250 21.30 0.38 -19.55
C GLY B 250 21.83 1.07 -18.31
N ASP B 251 20.92 1.49 -17.43
CA ASP B 251 21.30 2.17 -16.19
C ASP B 251 21.75 1.17 -15.12
N GLU B 252 22.81 1.54 -14.40
CA GLU B 252 23.34 0.69 -13.35
C GLU B 252 22.76 1.10 -12.00
N VAL B 253 22.34 0.10 -11.21
CA VAL B 253 21.75 0.34 -9.89
C VAL B 253 22.27 -0.65 -8.85
N GLU B 254 22.14 -0.28 -7.58
CA GLU B 254 22.60 -1.13 -6.49
C GLU B 254 21.45 -1.68 -5.66
N ILE B 255 21.58 -2.95 -5.27
CA ILE B 255 20.59 -3.61 -4.45
C ILE B 255 21.07 -3.47 -3.00
N VAL B 256 20.56 -2.46 -2.29
CA VAL B 256 20.98 -2.21 -0.91
C VAL B 256 20.00 -2.73 0.15
N GLY B 257 20.56 -3.20 1.27
CA GLY B 257 19.74 -3.72 2.35
C GLY B 257 19.60 -5.23 2.40
N LEU B 258 19.32 -5.74 3.60
CA LEU B 258 19.12 -7.18 3.85
C LEU B 258 20.23 -8.07 3.29
N ALA B 259 21.47 -7.63 3.42
CA ALA B 259 22.62 -8.39 2.93
C ALA B 259 23.91 -7.59 3.17
N PRO B 260 25.00 -8.27 3.53
CA PRO B 260 26.29 -7.63 3.78
C PRO B 260 26.78 -6.88 2.54
N GLU B 261 26.54 -7.47 1.38
CA GLU B 261 26.94 -6.88 0.11
C GLU B 261 26.00 -5.75 -0.31
N THR B 262 26.37 -5.05 -1.36
CA THR B 262 25.57 -3.96 -1.92
C THR B 262 25.71 -4.17 -3.42
N ARG B 263 25.24 -5.35 -3.85
CA ARG B 263 25.30 -5.80 -5.23
C ARG B 263 24.96 -4.81 -6.35
N LYS B 264 25.77 -4.86 -7.40
CA LYS B 264 25.59 -4.00 -8.55
C LYS B 264 24.94 -4.79 -9.69
N THR B 265 24.24 -4.07 -10.56
CA THR B 265 23.57 -4.67 -11.70
C THR B 265 23.14 -3.60 -12.69
N VAL B 266 22.97 -3.99 -13.95
CA VAL B 266 22.53 -3.08 -14.99
C VAL B 266 21.11 -3.47 -15.40
N VAL B 267 20.27 -2.46 -15.62
CA VAL B 267 18.88 -2.72 -16.02
C VAL B 267 18.76 -2.97 -17.51
N THR B 268 18.18 -4.12 -17.84
CA THR B 268 17.97 -4.54 -19.22
C THR B 268 16.48 -4.49 -19.59
N GLY B 269 15.68 -3.86 -18.72
CA GLY B 269 14.25 -3.75 -18.95
C GLY B 269 13.57 -2.87 -17.92
N VAL B 270 12.42 -2.31 -18.31
CA VAL B 270 11.63 -1.44 -17.44
C VAL B 270 10.20 -1.43 -18.00
N GLU B 271 9.25 -1.94 -17.23
CA GLU B 271 7.87 -2.02 -17.69
C GLU B 271 6.79 -1.66 -16.69
N MET B 272 5.75 -0.99 -17.19
CA MET B 272 4.60 -0.60 -16.40
C MET B 272 3.43 -1.45 -16.89
N HIS B 273 3.04 -2.43 -16.08
CA HIS B 273 1.94 -3.32 -16.41
C HIS B 273 2.10 -4.03 -17.75
N ARG B 274 3.06 -4.96 -17.81
CA ARG B 274 3.31 -5.74 -19.03
C ARG B 274 3.61 -4.85 -20.26
N LYS B 275 3.82 -3.55 -20.03
CA LYS B 275 4.10 -2.62 -21.12
C LYS B 275 5.46 -1.92 -21.00
N THR B 276 6.27 -2.03 -22.05
CA THR B 276 7.60 -1.42 -22.08
C THR B 276 7.53 0.10 -21.99
N LEU B 277 8.29 0.66 -21.05
CA LEU B 277 8.33 2.09 -20.84
C LEU B 277 9.68 2.64 -21.28
N GLN B 278 9.66 3.84 -21.88
CA GLN B 278 10.87 4.52 -22.34
C GLN B 278 11.83 4.58 -21.15
N GLU B 279 11.40 5.27 -20.09
CA GLU B 279 12.16 5.38 -18.86
C GLU B 279 11.18 5.64 -17.73
N GLY B 280 11.10 4.70 -16.79
CA GLY B 280 10.21 4.85 -15.68
C GLY B 280 10.65 5.95 -14.75
N ILE B 281 9.74 6.84 -14.39
CA ILE B 281 10.07 7.92 -13.47
C ILE B 281 9.35 7.68 -12.15
N ALA B 282 9.45 8.64 -11.23
CA ALA B 282 8.81 8.51 -9.93
C ALA B 282 7.30 8.28 -10.04
N GLY B 283 6.76 7.49 -9.12
CA GLY B 283 5.34 7.19 -9.11
C GLY B 283 4.92 6.09 -10.06
N ASP B 284 5.90 5.48 -10.73
CA ASP B 284 5.62 4.40 -11.65
C ASP B 284 5.69 3.02 -11.03
N ASN B 285 4.68 2.20 -11.30
CA ASN B 285 4.63 0.83 -10.80
C ASN B 285 5.34 -0.01 -11.87
N VAL B 286 6.66 0.09 -11.87
CA VAL B 286 7.49 -0.61 -12.86
C VAL B 286 7.87 -2.05 -12.55
N GLY B 287 8.64 -2.62 -13.47
CA GLY B 287 9.13 -3.98 -13.37
C GLY B 287 10.48 -3.95 -14.07
N LEU B 288 11.56 -3.86 -13.29
CA LEU B 288 12.91 -3.80 -13.84
C LEU B 288 13.59 -5.15 -13.98
N LEU B 289 14.21 -5.38 -15.13
CA LEU B 289 14.94 -6.63 -15.40
C LEU B 289 16.40 -6.43 -14.99
N LEU B 290 16.84 -7.20 -13.99
CA LEU B 290 18.21 -7.09 -13.48
C LEU B 290 19.20 -8.11 -14.07
N ARG B 291 20.26 -7.57 -14.68
CA ARG B 291 21.32 -8.36 -15.31
C ARG B 291 22.27 -9.05 -14.32
N GLY B 292 22.56 -10.32 -14.60
CA GLY B 292 23.46 -11.09 -13.75
C GLY B 292 22.85 -11.56 -12.44
N VAL B 293 21.88 -10.79 -11.96
CA VAL B 293 21.19 -11.09 -10.71
C VAL B 293 20.35 -12.35 -10.84
N SER B 294 20.36 -13.16 -9.79
CA SER B 294 19.59 -14.40 -9.77
C SER B 294 18.30 -14.25 -8.99
N ARG B 295 17.46 -15.27 -9.08
CA ARG B 295 16.16 -15.27 -8.40
C ARG B 295 16.20 -15.12 -6.89
N GLU B 296 17.38 -15.22 -6.29
CA GLU B 296 17.46 -15.07 -4.84
C GLU B 296 18.50 -14.05 -4.37
N GLU B 297 19.11 -13.34 -5.31
CA GLU B 297 20.09 -12.31 -4.97
C GLU B 297 19.40 -10.98 -4.67
N VAL B 298 18.09 -10.93 -4.94
CA VAL B 298 17.27 -9.75 -4.69
C VAL B 298 15.93 -10.23 -4.12
N GLU B 299 15.36 -9.44 -3.22
CA GLU B 299 14.11 -9.81 -2.58
C GLU B 299 13.35 -8.59 -2.07
N ARG B 300 12.08 -8.81 -1.72
CA ARG B 300 11.23 -7.74 -1.18
C ARG B 300 11.86 -7.26 0.12
N GLY B 301 11.83 -5.95 0.33
CA GLY B 301 12.42 -5.38 1.53
C GLY B 301 13.67 -4.59 1.16
N GLN B 302 14.37 -5.05 0.13
CA GLN B 302 15.57 -4.37 -0.33
C GLN B 302 15.18 -3.11 -1.09
N VAL B 303 16.14 -2.49 -1.78
CA VAL B 303 15.86 -1.27 -2.52
C VAL B 303 16.85 -1.06 -3.67
N LEU B 304 16.31 -0.81 -4.86
CA LEU B 304 17.15 -0.54 -6.02
C LEU B 304 17.44 0.96 -6.01
N ALA B 305 18.70 1.34 -5.95
CA ALA B 305 19.04 2.76 -5.92
C ALA B 305 20.23 3.16 -6.77
N LYS B 306 20.43 4.48 -6.88
CA LYS B 306 21.54 5.03 -7.62
C LYS B 306 22.80 4.56 -6.89
N PRO B 307 23.73 3.91 -7.59
CA PRO B 307 24.97 3.42 -6.97
C PRO B 307 25.62 4.47 -6.08
N GLY B 308 25.82 4.09 -4.82
CA GLY B 308 26.43 4.98 -3.86
C GLY B 308 25.49 5.92 -3.12
N SER B 309 24.34 6.21 -3.70
CA SER B 309 23.36 7.13 -3.10
C SER B 309 22.93 6.75 -1.68
N ILE B 310 22.77 5.45 -1.44
CA ILE B 310 22.35 4.93 -0.16
C ILE B 310 23.33 3.91 0.40
N THR B 311 23.57 4.03 1.70
CA THR B 311 24.45 3.11 2.42
C THR B 311 23.58 2.54 3.54
N PRO B 312 23.27 1.22 3.46
CA PRO B 312 22.44 0.50 4.45
C PRO B 312 22.88 0.65 5.89
N HIS B 313 21.90 0.80 6.78
CA HIS B 313 22.17 0.98 8.20
C HIS B 313 21.39 0.05 9.14
N THR B 314 21.79 0.05 10.41
CA THR B 314 21.14 -0.80 11.41
C THR B 314 20.76 -0.05 12.68
N LYS B 315 21.64 0.82 13.15
CA LYS B 315 21.38 1.58 14.37
C LYS B 315 20.69 2.91 14.06
N PHE B 316 19.87 3.38 15.00
CA PHE B 316 19.18 4.66 14.87
C PHE B 316 18.25 4.96 16.03
N GLU B 317 18.07 6.24 16.33
CA GLU B 317 17.16 6.66 17.38
C GLU B 317 15.94 7.22 16.66
N ALA B 318 14.78 7.09 17.27
CA ALA B 318 13.54 7.54 16.65
C ALA B 318 12.49 7.94 17.66
N SER B 319 11.56 8.80 17.23
CA SER B 319 10.47 9.23 18.09
C SER B 319 9.33 8.27 17.80
N VAL B 320 8.81 7.65 18.85
CA VAL B 320 7.76 6.66 18.69
C VAL B 320 6.55 6.88 19.61
N TYR B 321 5.39 6.44 19.13
CA TYR B 321 4.16 6.49 19.90
C TYR B 321 3.77 5.02 20.06
N ILE B 322 3.65 4.58 21.30
CA ILE B 322 3.26 3.19 21.55
C ILE B 322 1.74 3.17 21.65
N LEU B 323 1.10 2.42 20.75
CA LEU B 323 -0.36 2.35 20.72
C LEU B 323 -0.93 2.04 22.09
N LYS B 324 -2.14 2.53 22.32
CA LYS B 324 -2.83 2.28 23.58
C LYS B 324 -3.41 0.87 23.58
N LYS B 325 -3.91 0.47 24.74
CA LYS B 325 -4.51 -0.83 24.95
C LYS B 325 -5.72 -1.00 24.01
N GLU B 326 -6.53 0.06 23.94
CA GLU B 326 -7.73 0.08 23.11
C GLU B 326 -7.50 0.50 21.65
N GLU B 327 -6.25 0.37 21.19
CA GLU B 327 -5.90 0.68 19.81
C GLU B 327 -5.36 -0.58 19.16
N GLY B 328 -5.46 -1.69 19.89
CA GLY B 328 -4.99 -2.97 19.42
C GLY B 328 -3.53 -3.21 19.75
N GLY B 329 -3.01 -2.46 20.70
CA GLY B 329 -1.61 -2.60 21.09
C GLY B 329 -1.42 -3.39 22.36
N ARG B 330 -0.29 -3.13 23.02
CA ARG B 330 0.07 -3.80 24.25
C ARG B 330 -0.72 -3.25 25.44
N HIS B 331 -0.86 -4.06 26.48
CA HIS B 331 -1.54 -3.63 27.70
C HIS B 331 -0.52 -3.53 28.82
N THR B 332 0.69 -4.03 28.55
CA THR B 332 1.81 -4.00 29.49
C THR B 332 2.98 -3.26 28.86
N GLY B 333 3.76 -2.55 29.68
CA GLY B 333 4.90 -1.83 29.15
C GLY B 333 6.08 -2.74 28.82
N PHE B 334 7.11 -2.19 28.19
CA PHE B 334 8.29 -2.97 27.84
C PHE B 334 9.60 -2.25 28.17
N PHE B 335 10.72 -2.99 28.12
CA PHE B 335 12.04 -2.43 28.43
C PHE B 335 13.09 -2.78 27.37
N THR B 336 14.35 -2.49 27.68
CA THR B 336 15.46 -2.77 26.77
C THR B 336 15.52 -4.27 26.53
N GLY B 337 15.95 -4.67 25.33
CA GLY B 337 16.04 -6.08 25.00
C GLY B 337 14.86 -6.58 24.20
N TYR B 338 13.76 -5.81 24.23
CA TYR B 338 12.53 -6.13 23.51
C TYR B 338 12.87 -6.18 22.02
N ARG B 339 12.54 -7.30 21.37
CA ARG B 339 12.84 -7.48 19.95
C ARG B 339 11.64 -7.64 19.02
N PRO B 340 10.95 -6.54 18.69
CA PRO B 340 9.77 -6.56 17.82
C PRO B 340 10.15 -6.50 16.33
N GLN B 341 9.13 -6.41 15.49
CA GLN B 341 9.34 -6.34 14.04
C GLN B 341 9.16 -4.90 13.60
N PHE B 342 10.03 -4.44 12.71
CA PHE B 342 9.98 -3.08 12.22
C PHE B 342 9.66 -3.03 10.73
N TYR B 343 8.80 -2.09 10.36
CA TYR B 343 8.38 -1.97 8.98
C TYR B 343 8.73 -0.63 8.35
N PHE B 344 9.63 -0.67 7.37
CA PHE B 344 10.04 0.52 6.63
C PHE B 344 9.71 0.18 5.20
N ARG B 345 8.69 0.86 4.66
CA ARG B 345 8.24 0.63 3.29
C ARG B 345 7.90 -0.86 3.04
N THR B 346 8.61 -1.53 2.12
CA THR B 346 8.33 -2.94 1.85
C THR B 346 9.24 -3.86 2.66
N THR B 347 9.82 -3.32 3.74
CA THR B 347 10.74 -4.09 4.56
C THR B 347 10.22 -4.40 5.95
N ASP B 348 10.32 -5.66 6.33
CA ASP B 348 9.96 -6.12 7.66
C ASP B 348 11.26 -6.69 8.21
N VAL B 349 11.65 -6.27 9.41
CA VAL B 349 12.89 -6.73 10.00
C VAL B 349 12.94 -6.59 11.52
N THR B 350 13.42 -7.65 12.18
CA THR B 350 13.55 -7.67 13.64
C THR B 350 14.65 -6.71 14.09
N GLY B 351 14.41 -6.02 15.20
CA GLY B 351 15.37 -5.09 15.73
C GLY B 351 15.28 -5.06 17.25
N VAL B 352 16.36 -4.66 17.91
CA VAL B 352 16.35 -4.61 19.36
C VAL B 352 16.23 -3.19 19.89
N VAL B 353 15.40 -3.04 20.91
CA VAL B 353 15.16 -1.75 21.52
C VAL B 353 16.19 -1.46 22.60
N ARG B 354 16.79 -0.27 22.53
CA ARG B 354 17.78 0.14 23.50
C ARG B 354 17.30 1.43 24.18
N LEU B 355 16.72 1.29 25.36
CA LEU B 355 16.23 2.44 26.10
C LEU B 355 17.38 3.32 26.58
N PRO B 356 17.20 4.64 26.56
CA PRO B 356 18.22 5.59 26.99
C PRO B 356 18.42 5.58 28.51
N GLN B 357 19.61 5.95 28.95
CA GLN B 357 19.90 6.02 30.39
C GLN B 357 18.99 7.13 30.91
N GLY B 358 18.12 6.78 31.85
CA GLY B 358 17.19 7.75 32.40
C GLY B 358 15.78 7.21 32.31
N VAL B 359 15.57 6.28 31.39
CA VAL B 359 14.26 5.64 31.21
C VAL B 359 14.46 4.12 31.35
N GLU B 360 13.57 3.48 32.10
CA GLU B 360 13.68 2.04 32.33
C GLU B 360 12.55 1.24 31.69
N MET B 361 11.37 1.88 31.60
CA MET B 361 10.20 1.21 31.05
C MET B 361 9.44 2.15 30.12
N VAL B 362 8.58 1.57 29.28
CA VAL B 362 7.76 2.33 28.33
C VAL B 362 6.33 1.80 28.38
N MET B 363 5.40 2.66 28.79
CA MET B 363 4.00 2.27 28.89
C MET B 363 3.14 2.61 27.67
N PRO B 364 2.12 1.77 27.39
CA PRO B 364 1.19 1.95 26.26
C PRO B 364 0.50 3.30 26.24
N GLY B 365 0.64 4.01 25.13
CA GLY B 365 0.03 5.33 24.99
C GLY B 365 1.02 6.44 25.23
N ASP B 366 2.29 6.06 25.39
CA ASP B 366 3.36 7.03 25.64
C ASP B 366 4.17 7.38 24.41
N ASN B 367 4.48 8.67 24.28
CA ASN B 367 5.31 9.12 23.19
C ASN B 367 6.70 9.19 23.77
N VAL B 368 7.56 8.30 23.29
CA VAL B 368 8.93 8.22 23.78
C VAL B 368 9.92 8.06 22.63
N THR B 369 11.18 8.42 22.89
CA THR B 369 12.23 8.31 21.90
C THR B 369 13.29 7.33 22.40
N PHE B 370 13.76 6.45 21.51
CA PHE B 370 14.77 5.45 21.85
C PHE B 370 15.53 4.93 20.64
N THR B 371 16.62 4.21 20.90
CA THR B 371 17.46 3.63 19.85
C THR B 371 16.96 2.25 19.43
N VAL B 372 17.36 1.82 18.23
CA VAL B 372 16.97 0.51 17.69
C VAL B 372 18.11 -0.05 16.84
N GLU B 373 18.42 -1.33 17.04
CA GLU B 373 19.46 -2.00 16.27
C GLU B 373 18.89 -3.22 15.53
N LEU B 374 18.79 -3.08 14.21
CA LEU B 374 18.24 -4.12 13.36
C LEU B 374 19.23 -5.26 13.12
N ILE B 375 18.72 -6.49 13.07
CA ILE B 375 19.57 -7.65 12.83
C ILE B 375 20.06 -7.70 11.38
N LYS B 376 19.61 -6.73 10.58
CA LYS B 376 20.00 -6.61 9.18
C LYS B 376 19.98 -5.14 8.76
N PRO B 377 20.82 -4.78 7.78
CA PRO B 377 20.89 -3.40 7.30
C PRO B 377 19.75 -3.09 6.31
N VAL B 378 19.42 -1.81 6.14
CA VAL B 378 18.34 -1.41 5.24
C VAL B 378 18.36 0.10 4.96
N ALA B 379 17.94 0.49 3.76
CA ALA B 379 17.89 1.87 3.35
C ALA B 379 17.08 2.70 4.34
N LEU B 380 17.76 3.55 5.08
CA LEU B 380 17.14 4.39 6.10
C LEU B 380 17.36 5.88 5.85
N GLU B 381 16.37 6.68 6.24
CA GLU B 381 16.45 8.13 6.09
C GLU B 381 15.93 8.80 7.35
N GLU B 382 16.51 9.95 7.68
CA GLU B 382 16.08 10.70 8.83
C GLU B 382 14.73 11.27 8.41
N GLY B 383 13.67 10.94 9.16
CA GLY B 383 12.35 11.43 8.83
C GLY B 383 11.42 10.30 8.39
N LEU B 384 12.02 9.21 7.90
CA LEU B 384 11.28 8.03 7.45
C LEU B 384 10.40 7.47 8.56
N ARG B 385 9.14 7.21 8.25
CA ARG B 385 8.19 6.64 9.22
C ARG B 385 8.29 5.11 9.17
N PHE B 386 7.76 4.46 10.21
CA PHE B 386 7.78 2.99 10.27
C PHE B 386 6.76 2.42 11.25
N ALA B 387 6.64 1.09 11.27
CA ALA B 387 5.71 0.44 12.17
C ALA B 387 6.40 -0.60 13.04
N ILE B 388 5.79 -0.89 14.18
CA ILE B 388 6.32 -1.89 15.09
C ILE B 388 5.18 -2.87 15.35
N ARG B 389 5.38 -4.13 15.00
CA ARG B 389 4.36 -5.15 15.19
C ARG B 389 4.95 -6.38 15.87
N GLU B 390 4.15 -6.99 16.76
CA GLU B 390 4.57 -8.17 17.49
C GLU B 390 3.35 -8.83 18.11
N GLY B 391 3.27 -10.16 17.98
CA GLY B 391 2.13 -10.88 18.53
C GLY B 391 0.86 -10.65 17.75
N GLY B 392 1.01 -10.45 16.44
CA GLY B 392 -0.14 -10.23 15.58
C GLY B 392 -0.80 -8.87 15.66
N ARG B 393 -0.30 -7.99 16.52
CA ARG B 393 -0.89 -6.67 16.64
C ARG B 393 0.15 -5.58 16.43
N THR B 394 -0.29 -4.39 16.08
CA THR B 394 0.63 -3.27 15.91
C THR B 394 0.84 -2.67 17.29
N VAL B 395 2.09 -2.41 17.65
CA VAL B 395 2.41 -1.87 18.96
C VAL B 395 2.97 -0.45 18.97
N GLY B 396 3.52 0.00 17.85
CA GLY B 396 4.08 1.34 17.83
C GLY B 396 4.28 1.94 16.45
N ALA B 397 4.20 3.26 16.37
CA ALA B 397 4.38 4.00 15.12
C ALA B 397 5.41 5.08 15.37
N GLY B 398 6.54 4.99 14.68
CA GLY B 398 7.59 5.97 14.88
C GLY B 398 8.20 6.63 13.66
N VAL B 399 9.08 7.58 13.94
CA VAL B 399 9.76 8.36 12.91
C VAL B 399 11.25 8.37 13.20
N VAL B 400 12.06 7.99 12.21
CA VAL B 400 13.51 7.99 12.37
C VAL B 400 14.01 9.43 12.57
N THR B 401 14.79 9.67 13.62
CA THR B 401 15.29 11.01 13.92
C THR B 401 16.80 11.22 13.73
N LYS B 402 17.57 10.13 13.72
CA LYS B 402 19.02 10.20 13.56
C LYS B 402 19.57 8.82 13.26
N ILE B 403 20.37 8.69 12.20
CA ILE B 403 20.96 7.41 11.87
C ILE B 403 22.28 7.34 12.62
N LEU B 404 22.36 6.42 13.59
CA LEU B 404 23.57 6.25 14.38
C LEU B 404 24.67 5.64 13.52
N GLU B 405 24.22 4.81 12.57
CA GLU B 405 25.05 4.10 11.60
C GLU B 405 24.30 2.82 11.20
#